data_6NJZ
#
_entry.id   6NJZ
#
_cell.length_a   44.775
_cell.length_b   88.224
_cell.length_c   153.414
_cell.angle_alpha   90.000
_cell.angle_beta   90.790
_cell.angle_gamma   90.000
#
_symmetry.space_group_name_H-M   'I 1 2 1'
#
loop_
_entity.id
_entity.type
_entity.pdbx_description
1 polymer 'Ephrin type-A receptor 2'
2 polymer 'YSA-GSGSK-bio peptide'
3 non-polymer GLYCEROL
4 non-polymer BIOTIN
5 water water
#
loop_
_entity_poly.entity_id
_entity_poly.type
_entity_poly.pdbx_seq_one_letter_code
_entity_poly.pdbx_strand_id
1 'polypeptide(L)'
;MASQGPGEVVLLDFAAAGGELGWLTHPYGKGWDLMQNIMNDMPIYMYSVCNVMSGDQDNWLRTNWVYRGEAERIFIELKF
TVRDCNSFPGGASSCKETFNLYYAESDLDYGTNFQKRLFTKIDTIAPDEITVSSDFEARHVKLNVEERSVGPLTRKGFYL
AFQDIGACVALLSVRVYYKKAHHHHHH
;
A,B
2 'polypeptide(L)' YSAYPDSVPMMSGSGSK C,D
#
# COMPACT_ATOMS: atom_id res chain seq x y z
N GLY A 7 0.15 14.61 28.09
CA GLY A 7 -0.75 13.47 27.97
C GLY A 7 -1.16 13.06 26.57
N GLU A 8 -0.46 13.51 25.53
CA GLU A 8 -0.79 13.14 24.16
C GLU A 8 0.11 12.02 23.66
N VAL A 9 -0.44 11.14 22.83
CA VAL A 9 0.32 10.07 22.19
C VAL A 9 0.17 10.23 20.69
N VAL A 10 1.29 10.38 19.99
CA VAL A 10 1.27 10.67 18.56
C VAL A 10 1.23 9.34 17.79
N LEU A 11 0.26 9.22 16.88
CA LEU A 11 0.11 8.02 16.07
C LEU A 11 0.68 8.16 14.67
N LEU A 12 0.79 9.39 14.17
CA LEU A 12 1.21 9.61 12.80
C LEU A 12 1.76 11.02 12.74
N ASP A 13 2.93 11.20 12.11
CA ASP A 13 3.51 12.53 12.03
C ASP A 13 4.27 12.61 10.71
N PHE A 14 3.60 13.16 9.69
CA PHE A 14 4.17 13.17 8.34
C PHE A 14 5.48 13.97 8.30
N ALA A 15 5.47 15.18 8.86
CA ALA A 15 6.63 16.05 8.71
C ALA A 15 7.86 15.47 9.39
N ALA A 16 7.67 14.80 10.51
CA ALA A 16 8.79 14.19 11.24
C ALA A 16 9.29 12.90 10.61
N ALA A 17 8.52 12.30 9.70
CA ALA A 17 8.92 11.02 9.11
C ALA A 17 9.83 11.15 7.90
N GLY A 18 10.10 12.36 7.42
CA GLY A 18 11.00 12.57 6.31
C GLY A 18 10.56 11.93 5.01
N GLY A 19 9.26 11.85 4.76
CA GLY A 19 8.75 11.30 3.52
C GLY A 19 8.88 9.80 3.37
N GLU A 20 9.22 9.10 4.44
CA GLU A 20 9.44 7.66 4.42
C GLU A 20 8.18 6.88 4.73
N LEU A 21 7.05 7.55 4.96
CA LEU A 21 5.86 6.86 5.40
C LEU A 21 5.15 6.08 4.32
N GLY A 22 5.54 6.22 3.07
CA GLY A 22 4.93 5.50 1.97
C GLY A 22 3.41 5.62 1.88
N TRP A 23 2.95 6.81 1.51
CA TRP A 23 1.53 7.04 1.28
C TRP A 23 1.20 6.65 -0.16
N LEU A 24 -0.09 6.53 -0.44
N LEU A 24 -0.09 6.57 -0.44
CA LEU A 24 -0.58 6.04 -1.72
CA LEU A 24 -0.60 6.05 -1.70
C LEU A 24 -1.24 7.20 -2.46
C LEU A 24 -1.30 7.16 -2.47
N THR A 25 -1.04 7.26 -3.78
CA THR A 25 -1.67 8.28 -4.60
C THR A 25 -2.55 7.63 -5.66
N HIS A 26 -3.66 8.28 -5.95
CA HIS A 26 -4.58 7.78 -6.96
C HIS A 26 -5.25 8.98 -7.62
N PRO A 27 -5.12 9.16 -8.94
CA PRO A 27 -4.30 8.34 -9.84
C PRO A 27 -2.81 8.49 -9.55
N TYR A 28 -2.05 7.42 -9.78
CA TYR A 28 -0.61 7.45 -9.54
C TYR A 28 0.01 8.27 -10.67
N GLY A 29 0.71 9.35 -10.31
CA GLY A 29 1.26 10.26 -11.29
C GLY A 29 0.24 11.32 -11.66
N LYS A 30 0.71 12.55 -11.87
CA LYS A 30 -0.13 13.69 -12.26
C LYS A 30 -1.20 14.11 -11.25
N GLY A 31 -1.24 13.51 -10.07
CA GLY A 31 -2.11 14.03 -9.02
C GLY A 31 -1.23 14.52 -7.86
N TRP A 32 -1.50 14.11 -6.63
CA TRP A 32 -0.62 14.53 -5.55
C TRP A 32 0.80 13.98 -5.75
N ASP A 33 1.83 14.78 -5.44
CA ASP A 33 3.22 14.36 -5.59
CA ASP A 33 3.21 14.33 -5.57
C ASP A 33 4.00 14.67 -4.33
N LEU A 34 4.90 13.76 -3.94
CA LEU A 34 5.78 13.94 -2.79
C LEU A 34 6.96 14.85 -3.17
N MET A 35 7.14 15.95 -2.44
CA MET A 35 8.16 16.93 -2.77
C MET A 35 8.94 17.27 -1.50
N GLN A 36 10.10 17.84 -1.67
CA GLN A 36 10.84 18.38 -0.53
C GLN A 36 11.34 19.77 -0.90
N ASN A 37 11.47 20.62 0.11
CA ASN A 37 12.08 21.94 -0.01
C ASN A 37 13.21 22.01 1.00
N ILE A 38 14.43 22.36 0.55
CA ILE A 38 15.54 22.36 1.49
C ILE A 38 16.14 23.75 1.59
N MET A 39 15.35 24.79 1.31
CA MET A 39 15.85 26.16 1.37
C MET A 39 15.96 26.68 2.80
N ASN A 40 15.36 26.00 3.76
CA ASN A 40 15.33 26.45 5.14
C ASN A 40 16.27 25.61 5.98
N ASP A 41 16.40 26.01 7.24
CA ASP A 41 17.23 25.30 8.21
C ASP A 41 16.90 23.81 8.20
N MET A 42 15.62 23.47 8.43
CA MET A 42 15.05 22.13 8.46
C MET A 42 14.45 21.78 7.11
N PRO A 43 14.73 20.61 6.56
CA PRO A 43 14.04 20.20 5.34
C PRO A 43 12.53 20.23 5.54
N ILE A 44 11.83 20.58 4.48
CA ILE A 44 10.38 20.59 4.44
C ILE A 44 9.94 19.49 3.47
N TYR A 45 8.98 18.69 3.89
CA TYR A 45 8.40 17.65 3.06
C TYR A 45 6.94 17.98 2.86
N MET A 46 6.37 17.50 1.77
CA MET A 46 4.99 17.85 1.46
C MET A 46 4.43 16.91 0.41
N TYR A 47 3.10 16.78 0.41
CA TYR A 47 2.35 16.31 -0.74
C TYR A 47 1.65 17.52 -1.36
N SER A 48 1.83 17.72 -2.65
CA SER A 48 1.23 18.90 -3.26
C SER A 48 0.68 18.56 -4.63
N VAL A 49 -0.27 19.40 -5.05
CA VAL A 49 -0.92 19.27 -6.35
C VAL A 49 -1.36 20.65 -6.78
N CYS A 50 -1.40 20.88 -8.09
CA CYS A 50 -1.78 22.19 -8.60
C CYS A 50 -2.28 22.07 -10.03
N ASN A 51 -3.33 21.28 -10.25
CA ASN A 51 -3.93 21.15 -11.58
C ASN A 51 -5.15 22.07 -11.68
N VAL A 52 -4.87 23.36 -11.75
CA VAL A 52 -5.92 24.35 -11.55
C VAL A 52 -6.63 24.78 -12.83
N MET A 53 -6.13 24.36 -14.00
CA MET A 53 -6.69 24.74 -15.29
C MET A 53 -7.59 23.68 -15.90
N SER A 54 -7.32 22.41 -15.62
CA SER A 54 -8.03 21.30 -16.23
C SER A 54 -9.53 21.39 -15.98
N GLY A 55 -9.95 21.27 -14.74
CA GLY A 55 -11.35 21.46 -14.39
C GLY A 55 -12.09 20.21 -14.02
N ASP A 56 -11.49 19.06 -14.18
CA ASP A 56 -12.14 17.79 -13.88
C ASP A 56 -11.33 16.97 -12.91
N GLN A 57 -10.79 17.60 -11.86
CA GLN A 57 -9.83 16.93 -11.01
C GLN A 57 -10.50 16.17 -9.87
N ASP A 58 -9.97 14.97 -9.62
CA ASP A 58 -10.42 14.09 -8.54
C ASP A 58 -9.19 13.28 -8.10
N ASN A 59 -8.27 13.94 -7.40
CA ASN A 59 -7.00 13.33 -7.02
C ASN A 59 -6.97 12.95 -5.55
N TRP A 60 -6.58 11.70 -5.27
CA TRP A 60 -6.63 11.18 -3.92
C TRP A 60 -5.25 10.81 -3.38
N LEU A 61 -5.11 11.00 -2.07
CA LEU A 61 -3.91 10.72 -1.29
C LEU A 61 -4.34 9.98 -0.03
N ARG A 62 -3.74 8.81 0.22
CA ARG A 62 -4.10 7.99 1.38
C ARG A 62 -2.89 7.68 2.24
N THR A 63 -3.05 7.75 3.55
CA THR A 63 -1.94 7.44 4.44
C THR A 63 -1.67 5.94 4.42
N ASN A 64 -0.56 5.56 5.03
CA ASN A 64 -0.34 4.18 5.43
C ASN A 64 -1.39 3.82 6.49
N TRP A 65 -1.44 2.54 6.82
CA TRP A 65 -2.38 2.06 7.82
C TRP A 65 -1.84 2.33 9.20
N VAL A 66 -2.70 2.82 10.10
CA VAL A 66 -2.28 3.20 11.44
C VAL A 66 -3.03 2.34 12.44
N TYR A 67 -2.29 1.62 13.27
CA TYR A 67 -2.89 0.83 14.33
C TYR A 67 -3.42 1.74 15.44
N ARG A 68 -4.67 1.52 15.84
CA ARG A 68 -5.32 2.48 16.74
C ARG A 68 -4.93 2.28 18.19
N GLY A 69 -4.59 1.06 18.59
CA GLY A 69 -4.28 0.76 19.98
C GLY A 69 -5.42 1.16 20.90
N GLU A 70 -5.09 1.96 21.91
CA GLU A 70 -6.02 2.43 22.94
C GLU A 70 -6.76 3.70 22.53
N ALA A 71 -6.44 4.28 21.38
CA ALA A 71 -7.05 5.54 20.99
C ALA A 71 -8.56 5.38 20.79
N GLU A 72 -9.33 6.30 21.36
CA GLU A 72 -10.75 6.42 21.10
C GLU A 72 -11.10 7.62 20.23
N ARG A 73 -10.84 8.82 20.70
CA ARG A 73 -11.00 10.00 19.86
C ARG A 73 -9.61 10.34 19.32
N ILE A 74 -9.49 10.50 18.00
CA ILE A 74 -8.22 10.91 17.41
C ILE A 74 -8.34 12.35 16.94
N PHE A 75 -7.26 13.11 17.11
CA PHE A 75 -7.19 14.51 16.72
C PHE A 75 -6.28 14.60 15.52
N ILE A 76 -6.72 15.33 14.49
CA ILE A 76 -6.03 15.39 13.21
C ILE A 76 -5.63 16.83 12.95
N GLU A 77 -4.32 17.11 12.92
CA GLU A 77 -3.84 18.47 12.73
C GLU A 77 -3.15 18.59 11.38
N LEU A 78 -3.66 19.49 10.55
CA LEU A 78 -3.16 19.67 9.21
C LEU A 78 -2.52 21.04 9.07
N LYS A 79 -1.37 21.12 8.40
CA LYS A 79 -0.77 22.40 8.03
C LYS A 79 -0.56 22.41 6.53
N PHE A 80 -0.95 23.50 5.88
CA PHE A 80 -1.06 23.51 4.43
C PHE A 80 -1.09 24.94 3.92
N THR A 81 -0.72 25.08 2.65
CA THR A 81 -0.81 26.34 1.92
C THR A 81 -1.80 26.16 0.77
N VAL A 82 -2.43 27.26 0.40
CA VAL A 82 -3.31 27.31 -0.77
C VAL A 82 -3.01 28.60 -1.51
N ARG A 83 -2.74 28.51 -2.81
CA ARG A 83 -2.45 29.68 -3.62
C ARG A 83 -3.74 30.29 -4.13
N ASP A 84 -3.80 31.62 -4.14
CA ASP A 84 -4.95 32.36 -4.67
C ASP A 84 -5.28 31.92 -6.09
N CYS A 85 -6.55 31.57 -6.33
CA CYS A 85 -6.94 31.20 -7.68
C CYS A 85 -6.77 32.35 -8.66
N ASN A 86 -6.80 33.60 -8.18
CA ASN A 86 -6.59 34.71 -9.09
C ASN A 86 -5.15 34.76 -9.62
N SER A 87 -4.23 33.97 -9.04
CA SER A 87 -2.89 33.91 -9.59
C SER A 87 -2.84 33.26 -10.96
N PHE A 88 -3.91 32.62 -11.39
CA PHE A 88 -3.90 31.78 -12.59
C PHE A 88 -4.90 32.30 -13.60
N PRO A 89 -4.47 32.83 -14.75
CA PRO A 89 -5.42 33.51 -15.64
C PRO A 89 -6.29 32.52 -16.37
N GLY A 90 -7.59 32.81 -16.41
CA GLY A 90 -8.54 31.93 -17.02
C GLY A 90 -8.90 30.72 -16.21
N GLY A 91 -8.58 30.70 -14.93
CA GLY A 91 -8.91 29.58 -14.08
C GLY A 91 -10.11 29.85 -13.21
N ALA A 92 -10.96 30.81 -13.62
CA ALA A 92 -12.09 31.21 -12.79
C ALA A 92 -12.98 30.02 -12.45
N SER A 93 -13.28 29.18 -13.43
CA SER A 93 -14.19 28.06 -13.21
C SER A 93 -13.46 26.77 -12.84
N SER A 94 -12.20 26.62 -13.23
CA SER A 94 -11.50 25.36 -12.98
C SER A 94 -10.79 25.33 -11.63
N CYS A 95 -10.34 26.48 -11.12
CA CYS A 95 -9.53 26.53 -9.91
C CYS A 95 -10.38 26.61 -8.64
N LYS A 96 -9.97 25.88 -7.61
CA LYS A 96 -10.66 25.88 -6.32
C LYS A 96 -9.66 26.23 -5.23
N GLU A 97 -10.17 26.55 -4.03
CA GLU A 97 -9.32 26.95 -2.92
C GLU A 97 -9.52 26.10 -1.67
N THR A 98 -10.20 24.98 -1.80
CA THR A 98 -10.39 24.07 -0.68
C THR A 98 -9.99 22.67 -1.13
N PHE A 99 -9.88 21.76 -0.17
CA PHE A 99 -9.71 20.32 -0.41
C PHE A 99 -10.49 19.58 0.68
N ASN A 100 -10.64 18.27 0.54
CA ASN A 100 -11.49 17.49 1.43
C ASN A 100 -10.70 16.46 2.24
N LEU A 101 -11.09 16.30 3.50
CA LEU A 101 -10.47 15.36 4.44
C LEU A 101 -11.43 14.20 4.69
N TYR A 102 -10.92 12.97 4.59
CA TYR A 102 -11.71 11.75 4.73
C TYR A 102 -10.97 10.83 5.69
N TYR A 103 -11.66 9.81 6.21
CA TYR A 103 -10.99 8.72 6.92
C TYR A 103 -11.74 7.42 6.70
N ALA A 104 -11.07 6.31 7.01
CA ALA A 104 -11.73 5.02 7.04
C ALA A 104 -11.15 4.17 8.16
N GLU A 105 -12.04 3.48 8.87
CA GLU A 105 -11.60 2.49 9.84
C GLU A 105 -11.58 1.11 9.20
N SER A 106 -10.60 0.30 9.58
CA SER A 106 -10.58 -1.07 9.13
C SER A 106 -9.80 -1.92 10.11
N ASP A 107 -10.05 -3.22 10.05
CA ASP A 107 -9.40 -4.22 10.87
C ASP A 107 -8.15 -4.80 10.24
N LEU A 108 -7.98 -4.63 8.92
N LEU A 108 -7.96 -4.59 8.93
CA LEU A 108 -6.80 -5.10 8.20
CA LEU A 108 -6.81 -5.10 8.20
C LEU A 108 -6.27 -3.96 7.35
C LEU A 108 -6.32 -4.03 7.23
N ASP A 109 -5.07 -4.17 6.81
CA ASP A 109 -4.47 -3.25 5.85
C ASP A 109 -4.84 -3.69 4.44
N TYR A 110 -5.48 -2.80 3.68
CA TYR A 110 -5.81 -3.08 2.29
C TYR A 110 -4.63 -2.94 1.33
N GLY A 111 -3.49 -2.45 1.80
CA GLY A 111 -2.31 -2.42 0.94
C GLY A 111 -2.54 -1.43 -0.19
N THR A 112 -2.21 -1.83 -1.41
CA THR A 112 -2.34 -0.91 -2.53
C THR A 112 -3.76 -0.80 -3.08
N ASN A 113 -4.72 -1.54 -2.54
CA ASN A 113 -6.10 -1.44 -3.00
C ASN A 113 -6.68 -0.20 -2.32
N PHE A 114 -6.76 0.89 -3.03
CA PHE A 114 -7.42 2.08 -2.52
C PHE A 114 -8.85 2.05 -3.05
N GLN A 115 -9.82 1.98 -2.15
CA GLN A 115 -11.21 2.06 -2.53
C GLN A 115 -11.82 3.25 -1.81
N LYS A 116 -12.05 4.34 -2.55
CA LYS A 116 -12.57 5.55 -1.91
C LYS A 116 -13.96 5.30 -1.36
N ARG A 117 -14.67 4.27 -1.87
CA ARG A 117 -16.01 4.01 -1.38
C ARG A 117 -16.02 3.65 0.10
N LEU A 118 -14.89 3.22 0.67
CA LEU A 118 -14.82 2.91 2.09
C LEU A 118 -14.62 4.15 2.95
N PHE A 119 -14.40 5.32 2.38
CA PHE A 119 -14.04 6.50 3.16
C PHE A 119 -15.24 7.40 3.46
N THR A 120 -15.22 7.97 4.68
CA THR A 120 -16.22 8.89 5.18
C THR A 120 -15.64 10.29 5.20
N LYS A 121 -16.39 11.25 4.68
CA LYS A 121 -15.87 12.62 4.70
C LYS A 121 -15.86 13.18 6.12
N ILE A 122 -14.74 13.77 6.53
CA ILE A 122 -14.69 14.50 7.81
C ILE A 122 -15.11 15.96 7.60
N ASP A 123 -14.46 16.66 6.68
CA ASP A 123 -14.84 18.05 6.44
C ASP A 123 -14.20 18.55 5.15
N THR A 124 -14.74 19.65 4.65
CA THR A 124 -14.02 20.49 3.71
C THR A 124 -13.02 21.29 4.52
N ILE A 125 -11.79 21.35 4.03
CA ILE A 125 -10.71 22.11 4.65
C ILE A 125 -10.47 23.36 3.82
N ALA A 126 -10.59 24.53 4.44
CA ALA A 126 -10.44 25.79 3.75
C ALA A 126 -9.36 26.65 4.41
N PRO A 127 -8.61 27.43 3.63
CA PRO A 127 -7.53 28.24 4.20
C PRO A 127 -8.06 29.53 4.83
N ASP A 128 -7.60 29.83 6.04
CA ASP A 128 -7.81 31.18 6.56
C ASP A 128 -7.00 32.20 5.75
N GLU A 129 -5.86 31.81 5.20
CA GLU A 129 -5.01 32.74 4.45
C GLU A 129 -4.57 32.12 3.14
N ILE A 130 -4.88 32.77 2.03
CA ILE A 130 -4.41 32.28 0.74
C ILE A 130 -3.08 32.94 0.45
N THR A 131 -2.24 32.26 -0.32
CA THR A 131 -0.95 32.83 -0.71
C THR A 131 -1.09 33.50 -2.08
N VAL A 132 -0.83 34.81 -2.13
CA VAL A 132 -0.94 35.52 -3.40
C VAL A 132 0.40 35.46 -4.13
N SER A 133 0.38 35.80 -5.43
CA SER A 133 1.53 35.59 -6.29
C SER A 133 2.78 36.31 -5.77
N SER A 134 2.65 37.57 -5.35
CA SER A 134 3.82 38.31 -4.91
C SER A 134 4.49 37.63 -3.71
N ASP A 135 3.69 37.10 -2.78
CA ASP A 135 4.26 36.41 -1.64
C ASP A 135 4.86 35.07 -2.05
N PHE A 136 4.22 34.37 -2.99
CA PHE A 136 4.79 33.13 -3.50
C PHE A 136 6.16 33.37 -4.12
N GLU A 137 6.27 34.35 -5.00
CA GLU A 137 7.53 34.57 -5.70
C GLU A 137 8.65 35.00 -4.75
N ALA A 138 8.32 35.66 -3.64
CA ALA A 138 9.28 36.05 -2.62
C ALA A 138 9.55 34.96 -1.57
N ARG A 139 8.96 33.77 -1.73
CA ARG A 139 9.12 32.69 -0.76
C ARG A 139 8.59 33.07 0.63
N HIS A 140 7.47 33.79 0.66
CA HIS A 140 6.74 34.07 1.91
C HIS A 140 5.33 33.44 1.86
N VAL A 141 5.26 32.11 1.95
CA VAL A 141 3.96 31.45 1.89
C VAL A 141 3.21 31.63 3.21
N LYS A 142 1.89 31.45 3.16
CA LYS A 142 1.03 31.59 4.34
C LYS A 142 0.62 30.19 4.78
N LEU A 143 1.15 29.75 5.91
CA LEU A 143 0.89 28.40 6.41
C LEU A 143 -0.39 28.40 7.25
N ASN A 144 -1.37 27.60 6.85
CA ASN A 144 -2.64 27.48 7.54
C ASN A 144 -2.61 26.25 8.45
N VAL A 145 -3.37 26.29 9.53
CA VAL A 145 -3.49 25.17 10.47
C VAL A 145 -4.98 24.91 10.67
N GLU A 146 -5.39 23.66 10.48
CA GLU A 146 -6.76 23.24 10.69
C GLU A 146 -6.74 21.91 11.41
N GLU A 147 -7.57 21.80 12.45
CA GLU A 147 -7.64 20.59 13.25
C GLU A 147 -9.08 20.09 13.27
N ARG A 148 -9.23 18.78 13.16
CA ARG A 148 -10.51 18.11 13.31
C ARG A 148 -10.32 16.86 14.15
N SER A 149 -11.38 16.38 14.79
CA SER A 149 -11.30 15.10 15.48
C SER A 149 -12.47 14.20 15.08
N VAL A 150 -12.25 12.88 15.20
CA VAL A 150 -13.27 11.88 14.93
C VAL A 150 -13.18 10.75 15.94
N GLY A 151 -14.29 10.05 16.11
CA GLY A 151 -14.31 8.93 17.00
C GLY A 151 -15.64 8.88 17.72
N PRO A 152 -15.81 7.91 18.60
CA PRO A 152 -14.78 6.94 19.03
C PRO A 152 -14.46 5.93 17.94
N LEU A 153 -13.18 5.66 17.73
CA LEU A 153 -12.77 4.59 16.85
C LEU A 153 -13.06 3.25 17.52
N THR A 154 -13.36 2.25 16.69
CA THR A 154 -13.73 0.93 17.19
C THR A 154 -13.04 -0.24 16.47
N ARG A 155 -12.30 0.01 15.39
CA ARG A 155 -11.67 -1.07 14.64
C ARG A 155 -10.17 -1.10 15.00
N LYS A 156 -9.43 -2.05 14.41
CA LYS A 156 -8.02 -2.18 14.77
C LYS A 156 -7.19 -0.99 14.29
N GLY A 157 -7.56 -0.38 13.17
CA GLY A 157 -6.76 0.69 12.58
C GLY A 157 -7.57 1.62 11.72
N PHE A 158 -6.88 2.58 11.13
CA PHE A 158 -7.53 3.57 10.28
C PHE A 158 -6.56 4.13 9.25
N TYR A 159 -7.15 4.74 8.23
CA TYR A 159 -6.47 5.53 7.23
C TYR A 159 -7.06 6.94 7.24
N LEU A 160 -6.23 7.93 6.91
CA LEU A 160 -6.77 9.19 6.44
C LEU A 160 -6.63 9.29 4.92
N ALA A 161 -7.50 10.10 4.29
CA ALA A 161 -7.35 10.38 2.88
C ALA A 161 -7.66 11.85 2.62
N PHE A 162 -7.07 12.37 1.55
CA PHE A 162 -7.18 13.75 1.11
C PHE A 162 -7.61 13.78 -0.35
N GLN A 163 -8.66 14.53 -0.64
CA GLN A 163 -9.18 14.63 -2.00
C GLN A 163 -8.97 16.04 -2.52
N ASP A 164 -8.28 16.15 -3.64
CA ASP A 164 -8.12 17.41 -4.34
C ASP A 164 -9.10 17.45 -5.50
N ILE A 165 -9.81 18.57 -5.64
CA ILE A 165 -10.80 18.78 -6.68
C ILE A 165 -10.41 19.91 -7.63
N GLY A 166 -9.15 20.35 -7.59
CA GLY A 166 -8.67 21.33 -8.52
C GLY A 166 -8.11 22.57 -7.85
N ALA A 167 -7.48 22.40 -6.69
CA ALA A 167 -6.83 23.50 -5.98
C ALA A 167 -5.32 23.44 -6.16
N CYS A 168 -4.64 24.50 -5.76
CA CYS A 168 -3.18 24.56 -5.79
C CYS A 168 -2.72 24.48 -4.34
N VAL A 169 -2.52 23.25 -3.84
CA VAL A 169 -2.42 22.99 -2.41
CA VAL A 169 -2.41 23.00 -2.42
C VAL A 169 -1.14 22.23 -2.11
N ALA A 170 -0.46 22.62 -1.04
CA ALA A 170 0.65 21.90 -0.46
C ALA A 170 0.28 21.52 0.96
N LEU A 171 0.38 20.23 1.25
CA LEU A 171 0.12 19.65 2.56
C LEU A 171 1.45 19.33 3.22
N LEU A 172 1.82 20.12 4.24
CA LEU A 172 3.14 20.06 4.84
C LEU A 172 3.21 19.30 6.17
N SER A 173 2.10 19.18 6.89
CA SER A 173 2.10 18.50 8.17
C SER A 173 0.78 17.77 8.35
N VAL A 174 0.86 16.53 8.81
CA VAL A 174 -0.31 15.73 9.17
C VAL A 174 0.11 15.03 10.46
N ARG A 175 -0.46 15.45 11.59
CA ARG A 175 -0.14 14.93 12.91
C ARG A 175 -1.43 14.39 13.50
N VAL A 176 -1.43 13.11 13.87
CA VAL A 176 -2.60 12.48 14.47
C VAL A 176 -2.20 12.01 15.86
N TYR A 177 -3.00 12.36 16.86
CA TYR A 177 -2.66 12.05 18.24
C TYR A 177 -3.94 11.73 18.97
N TYR A 178 -3.80 11.11 20.13
CA TYR A 178 -4.92 10.92 21.04
C TYR A 178 -4.46 11.34 22.43
N LYS A 179 -5.44 11.52 23.32
CA LYS A 179 -5.18 11.93 24.69
C LYS A 179 -5.25 10.69 25.58
N LYS A 180 -4.19 10.45 26.35
CA LYS A 180 -4.19 9.33 27.26
C LYS A 180 -5.30 9.46 28.30
N ALA A 181 -5.80 8.32 28.77
CA ALA A 181 -6.90 8.31 29.71
C ALA A 181 -6.53 9.14 30.93
N HIS A 182 -7.50 9.93 31.42
CA HIS A 182 -7.27 10.76 32.59
C HIS A 182 -7.28 9.92 33.84
N HIS A 183 -6.34 10.17 34.74
CA HIS A 183 -6.24 9.44 35.99
C HIS A 183 -6.34 10.39 37.17
N HIS A 184 -6.94 9.89 38.26
CA HIS A 184 -7.05 10.64 39.50
C HIS A 184 -5.83 10.36 40.37
N HIS A 185 -4.88 11.29 40.34
CA HIS A 185 -3.61 11.15 41.05
C HIS A 185 -3.81 10.73 42.51
N PRO B 6 -8.26 -26.28 13.66
CA PRO B 6 -8.46 -26.63 15.07
C PRO B 6 -7.44 -25.93 15.96
N GLY B 7 -7.87 -24.82 16.56
CA GLY B 7 -6.97 -23.98 17.32
C GLY B 7 -6.09 -23.06 16.50
N GLU B 8 -6.39 -22.88 15.22
CA GLU B 8 -5.62 -21.99 14.38
C GLU B 8 -6.31 -20.64 14.31
N VAL B 9 -5.53 -19.57 14.27
CA VAL B 9 -6.06 -18.22 14.12
C VAL B 9 -5.45 -17.65 12.87
N VAL B 10 -6.28 -17.30 11.90
CA VAL B 10 -5.78 -16.89 10.59
C VAL B 10 -5.50 -15.39 10.60
N LEU B 11 -4.31 -15.01 10.14
CA LEU B 11 -3.89 -13.61 10.08
C LEU B 11 -3.97 -13.03 8.68
N LEU B 12 -3.89 -13.88 7.65
CA LEU B 12 -3.85 -13.46 6.26
C LEU B 12 -4.36 -14.63 5.42
N ASP B 13 -5.23 -14.34 4.46
CA ASP B 13 -5.76 -15.38 3.57
C ASP B 13 -6.10 -14.72 2.23
N PHE B 14 -5.20 -14.92 1.26
CA PHE B 14 -5.32 -14.27 -0.05
C PHE B 14 -6.60 -14.65 -0.76
N ALA B 15 -6.84 -15.95 -0.91
CA ALA B 15 -7.97 -16.41 -1.71
C ALA B 15 -9.29 -16.02 -1.07
N ALA B 16 -9.37 -16.03 0.26
CA ALA B 16 -10.65 -15.72 0.90
C ALA B 16 -10.99 -14.25 0.82
N ALA B 17 -10.03 -13.39 0.48
CA ALA B 17 -10.27 -11.95 0.38
C ALA B 17 -10.88 -11.56 -0.96
N GLY B 18 -11.08 -12.50 -1.89
CA GLY B 18 -11.78 -12.17 -3.12
C GLY B 18 -11.10 -11.09 -3.94
N GLY B 19 -9.77 -11.06 -3.93
CA GLY B 19 -9.04 -10.08 -4.72
C GLY B 19 -9.01 -8.69 -4.16
N GLU B 20 -9.39 -8.50 -2.90
CA GLU B 20 -9.42 -7.16 -2.33
C GLU B 20 -8.12 -6.75 -1.67
N LEU B 21 -7.16 -7.65 -1.52
CA LEU B 21 -5.87 -7.26 -0.97
C LEU B 21 -5.03 -6.70 -2.10
N GLY B 22 -4.48 -5.52 -1.86
CA GLY B 22 -3.59 -4.86 -2.79
C GLY B 22 -2.16 -5.19 -2.41
N TRP B 23 -1.57 -6.19 -3.06
CA TRP B 23 -0.17 -6.51 -2.82
C TRP B 23 0.70 -5.69 -3.74
N LEU B 24 1.78 -5.19 -3.18
CA LEU B 24 2.70 -4.32 -3.89
C LEU B 24 3.59 -5.12 -4.82
N THR B 25 3.76 -4.62 -6.04
CA THR B 25 4.70 -5.23 -6.96
C THR B 25 5.85 -4.28 -7.24
N HIS B 26 7.03 -4.84 -7.40
CA HIS B 26 8.24 -4.10 -7.71
C HIS B 26 9.11 -4.99 -8.60
N PRO B 27 9.46 -4.57 -9.83
CA PRO B 27 9.01 -3.36 -10.52
C PRO B 27 7.52 -3.44 -10.80
N TYR B 28 6.86 -2.27 -10.81
CA TYR B 28 5.42 -2.20 -11.02
C TYR B 28 5.09 -2.43 -12.49
N GLY B 29 4.25 -3.42 -12.76
CA GLY B 29 3.82 -3.75 -14.10
C GLY B 29 4.73 -4.70 -14.86
N LYS B 30 5.97 -4.88 -14.43
CA LYS B 30 6.91 -5.71 -15.18
C LYS B 30 6.96 -7.16 -14.71
N GLY B 31 6.27 -7.50 -13.63
CA GLY B 31 6.33 -8.83 -13.08
C GLY B 31 5.04 -9.54 -12.77
N TRP B 32 4.87 -9.81 -11.48
CA TRP B 32 3.67 -10.45 -10.99
C TRP B 32 2.43 -9.60 -11.27
N ASP B 33 1.33 -10.29 -11.57
CA ASP B 33 0.08 -9.66 -11.96
CA ASP B 33 0.08 -9.65 -11.94
C ASP B 33 -1.08 -10.41 -11.29
N LEU B 34 -2.10 -9.66 -10.87
CA LEU B 34 -3.30 -10.26 -10.28
C LEU B 34 -4.20 -10.76 -11.39
N MET B 35 -4.54 -12.05 -11.35
CA MET B 35 -5.31 -12.66 -12.43
C MET B 35 -6.48 -13.44 -11.85
N GLN B 36 -7.45 -13.73 -12.71
CA GLN B 36 -8.60 -14.53 -12.33
C GLN B 36 -8.94 -15.52 -13.44
N ASN B 37 -9.53 -16.65 -13.03
CA ASN B 37 -10.08 -17.65 -13.93
C ASN B 37 -11.55 -17.80 -13.57
N ILE B 38 -12.44 -17.65 -14.56
CA ILE B 38 -13.87 -17.70 -14.32
C ILE B 38 -14.51 -18.79 -15.15
N MET B 39 -13.74 -19.83 -15.49
CA MET B 39 -14.27 -20.92 -16.29
C MET B 39 -15.17 -21.85 -15.51
N ASN B 40 -15.06 -21.86 -14.18
CA ASN B 40 -15.85 -22.74 -13.34
C ASN B 40 -16.91 -21.93 -12.59
N ASP B 41 -17.77 -22.65 -11.86
CA ASP B 41 -18.81 -22.00 -11.07
C ASP B 41 -18.23 -20.88 -10.23
N MET B 42 -17.17 -21.20 -9.41
CA MET B 42 -16.52 -20.22 -8.55
C MET B 42 -15.31 -19.62 -9.27
N PRO B 43 -15.19 -18.28 -9.31
CA PRO B 43 -13.95 -17.67 -9.81
C PRO B 43 -12.74 -18.14 -9.01
N ILE B 44 -11.58 -18.17 -9.69
CA ILE B 44 -10.29 -18.47 -9.08
C ILE B 44 -9.41 -17.23 -9.20
N TYR B 45 -8.75 -16.84 -8.12
CA TYR B 45 -7.87 -15.67 -8.13
C TYR B 45 -6.42 -16.13 -7.94
N MET B 46 -5.49 -15.31 -8.41
CA MET B 46 -4.09 -15.70 -8.33
C MET B 46 -3.18 -14.50 -8.56
N TYR B 47 -1.96 -14.60 -8.04
CA TYR B 47 -0.84 -13.77 -8.47
C TYR B 47 0.06 -14.65 -9.31
N SER B 48 0.37 -14.22 -10.53
CA SER B 48 1.13 -15.05 -11.45
C SER B 48 2.14 -14.23 -12.25
N VAL B 49 3.18 -14.93 -12.69
CA VAL B 49 4.23 -14.33 -13.50
C VAL B 49 4.81 -15.43 -14.37
N CYS B 50 5.27 -15.07 -15.56
CA CYS B 50 5.78 -16.06 -16.51
C CYS B 50 6.69 -15.41 -17.56
N ASN B 51 7.76 -14.75 -17.12
CA ASN B 51 8.72 -14.13 -18.03
C ASN B 51 9.93 -15.04 -18.20
N VAL B 52 9.73 -16.15 -18.91
CA VAL B 52 10.71 -17.24 -18.89
C VAL B 52 11.80 -17.14 -19.93
N MET B 53 11.72 -16.20 -20.88
CA MET B 53 12.69 -16.10 -21.96
C MET B 53 13.75 -15.01 -21.77
N SER B 54 13.42 -13.90 -21.10
CA SER B 54 14.34 -12.76 -20.97
C SER B 54 15.66 -13.17 -20.34
N GLY B 55 15.63 -13.63 -19.10
CA GLY B 55 16.80 -14.20 -18.45
C GLY B 55 17.36 -13.39 -17.30
N ASP B 56 16.90 -12.18 -17.08
CA ASP B 56 17.40 -11.37 -15.96
C ASP B 56 16.24 -10.89 -15.10
N GLN B 57 15.37 -11.81 -14.70
CA GLN B 57 14.16 -11.47 -13.98
C GLN B 57 14.44 -11.41 -12.48
N ASP B 58 13.88 -10.40 -11.83
CA ASP B 58 13.98 -10.17 -10.39
C ASP B 58 12.69 -9.47 -9.98
N ASN B 59 11.59 -10.21 -9.95
CA ASN B 59 10.26 -9.64 -9.75
C ASN B 59 9.75 -9.91 -8.35
N TRP B 60 9.31 -8.85 -7.67
CA TRP B 60 8.91 -8.95 -6.28
C TRP B 60 7.43 -8.67 -6.09
N LEU B 61 6.87 -9.40 -5.12
CA LEU B 61 5.48 -9.30 -4.71
C LEU B 61 5.48 -9.28 -3.20
N ARG B 62 4.90 -8.23 -2.61
CA ARG B 62 4.90 -8.06 -1.17
C ARG B 62 3.47 -7.94 -0.68
N THR B 63 3.18 -8.62 0.42
CA THR B 63 1.84 -8.59 0.97
C THR B 63 1.54 -7.24 1.61
N ASN B 64 0.27 -7.06 1.96
CA ASN B 64 -0.13 -6.02 2.90
C ASN B 64 0.53 -6.31 4.25
N TRP B 65 0.47 -5.32 5.12
CA TRP B 65 0.99 -5.45 6.47
C TRP B 65 0.03 -6.26 7.31
N VAL B 66 0.59 -7.15 8.13
CA VAL B 66 -0.16 -8.07 8.96
C VAL B 66 0.18 -7.79 10.41
N TYR B 67 -0.82 -7.43 11.22
CA TYR B 67 -0.61 -7.25 12.66
C TYR B 67 -0.46 -8.63 13.30
N ARG B 68 0.61 -8.85 14.07
CA ARG B 68 0.85 -10.21 14.53
C ARG B 68 0.08 -10.56 15.80
N GLY B 69 -0.28 -9.57 16.61
CA GLY B 69 -1.02 -9.83 17.83
C GLY B 69 -0.30 -10.79 18.75
N GLU B 70 -0.97 -11.89 19.10
CA GLU B 70 -0.50 -12.90 20.04
C GLU B 70 0.41 -13.96 19.41
N ALA B 71 0.60 -13.92 18.10
CA ALA B 71 1.38 -14.95 17.44
C ALA B 71 2.84 -14.90 17.87
N GLU B 72 3.39 -16.05 18.23
CA GLU B 72 4.82 -16.20 18.46
C GLU B 72 5.50 -16.86 17.27
N ARG B 73 5.01 -18.02 16.84
CA ARG B 73 5.45 -18.65 15.59
C ARG B 73 4.32 -18.55 14.58
N ILE B 74 4.62 -18.12 13.37
CA ILE B 74 3.60 -18.07 12.32
C ILE B 74 3.89 -19.16 11.29
N PHE B 75 2.82 -19.73 10.76
CA PHE B 75 2.85 -20.76 9.74
C PHE B 75 2.36 -20.18 8.44
N ILE B 76 3.08 -20.47 7.36
CA ILE B 76 2.82 -19.91 6.04
C ILE B 76 2.51 -21.06 5.09
N GLU B 77 1.30 -21.08 4.54
CA GLU B 77 0.88 -22.14 3.64
C GLU B 77 0.63 -21.57 2.25
N LEU B 78 1.36 -22.09 1.26
CA LEU B 78 1.30 -21.63 -0.11
C LEU B 78 0.73 -22.73 -1.00
N LYS B 79 -0.14 -22.37 -1.93
CA LYS B 79 -0.59 -23.31 -2.96
C LYS B 79 -0.32 -22.66 -4.31
N PHE B 80 0.29 -23.41 -5.22
CA PHE B 80 0.85 -22.78 -6.40
C PHE B 80 1.11 -23.84 -7.46
N THR B 81 1.16 -23.37 -8.71
CA THR B 81 1.53 -24.19 -9.84
C THR B 81 2.83 -23.65 -10.45
N VAL B 82 3.62 -24.56 -11.02
CA VAL B 82 4.83 -24.23 -11.75
C VAL B 82 4.82 -25.00 -13.05
N ARG B 83 5.00 -24.32 -14.16
CA ARG B 83 4.99 -24.98 -15.45
C ARG B 83 6.39 -25.47 -15.81
N ASP B 84 6.43 -26.65 -16.43
CA ASP B 84 7.67 -27.24 -16.95
C ASP B 84 8.39 -26.28 -17.88
N CYS B 85 9.67 -26.04 -17.63
CA CYS B 85 10.44 -25.17 -18.50
C CYS B 85 10.56 -25.76 -19.91
N ASN B 86 10.42 -27.07 -20.06
CA ASN B 86 10.47 -27.64 -21.40
C ASN B 86 9.24 -27.26 -22.23
N SER B 87 8.22 -26.64 -21.65
CA SER B 87 7.09 -26.16 -22.43
C SER B 87 7.46 -25.00 -23.34
N PHE B 88 8.62 -24.39 -23.11
CA PHE B 88 9.04 -23.15 -23.73
C PHE B 88 10.38 -23.36 -24.42
N PRO B 89 10.45 -23.23 -25.74
CA PRO B 89 11.67 -23.66 -26.45
C PRO B 89 12.81 -22.66 -26.31
N GLY B 90 14.01 -23.20 -26.10
CA GLY B 90 15.19 -22.37 -25.94
C GLY B 90 15.31 -21.69 -24.60
N GLY B 91 14.55 -22.13 -23.61
CA GLY B 91 14.60 -21.52 -22.30
C GLY B 91 15.46 -22.31 -21.34
N ALA B 92 16.39 -23.10 -21.90
CA ALA B 92 17.22 -23.96 -21.06
C ALA B 92 17.92 -23.15 -19.97
N SER B 93 18.51 -22.01 -20.35
CA SER B 93 19.26 -21.20 -19.39
C SER B 93 18.42 -20.11 -18.74
N SER B 94 17.39 -19.61 -19.41
CA SER B 94 16.65 -18.48 -18.88
C SER B 94 15.51 -18.87 -17.96
N CYS B 95 14.89 -20.03 -18.18
CA CYS B 95 13.69 -20.45 -17.46
C CYS B 95 14.06 -21.19 -16.18
N LYS B 96 13.30 -20.90 -15.12
CA LYS B 96 13.49 -21.53 -13.82
C LYS B 96 12.19 -22.20 -13.39
N GLU B 97 12.30 -23.06 -12.37
CA GLU B 97 11.16 -23.80 -11.84
C GLU B 97 11.01 -23.62 -10.33
N THR B 98 11.69 -22.66 -9.72
CA THR B 98 11.51 -22.36 -8.30
C THR B 98 11.29 -20.85 -8.14
N PHE B 99 10.90 -20.44 -6.94
CA PHE B 99 10.81 -19.03 -6.57
C PHE B 99 11.17 -18.94 -5.10
N ASN B 100 11.35 -17.72 -4.62
CA ASN B 100 11.86 -17.50 -3.27
C ASN B 100 10.85 -16.80 -2.37
N LEU B 101 10.80 -17.24 -1.11
CA LEU B 101 9.91 -16.69 -0.10
C LEU B 101 10.74 -15.94 0.95
N TYR B 102 10.28 -14.73 1.29
CA TYR B 102 10.94 -13.83 2.24
C TYR B 102 9.93 -13.30 3.24
N TYR B 103 10.45 -12.72 4.34
CA TYR B 103 9.61 -11.92 5.22
C TYR B 103 10.40 -10.77 5.83
N ALA B 104 9.66 -9.81 6.40
CA ALA B 104 10.24 -8.75 7.22
C ALA B 104 9.28 -8.38 8.33
N GLU B 105 9.81 -8.14 9.52
CA GLU B 105 9.04 -7.62 10.65
C GLU B 105 9.17 -6.11 10.73
N SER B 106 8.10 -5.45 11.20
CA SER B 106 8.18 -4.02 11.47
C SER B 106 7.16 -3.64 12.54
N ASP B 107 7.40 -2.50 13.20
CA ASP B 107 6.48 -2.00 14.20
C ASP B 107 5.43 -1.07 13.61
N LEU B 108 5.63 -0.62 12.38
CA LEU B 108 4.73 0.30 11.70
C LEU B 108 4.51 -0.22 10.29
N ASP B 109 3.41 0.21 9.66
CA ASP B 109 3.17 -0.08 8.25
C ASP B 109 3.96 0.92 7.40
N TYR B 110 4.89 0.41 6.60
CA TYR B 110 5.69 1.20 5.68
C TYR B 110 4.93 1.60 4.41
N GLY B 111 3.73 1.08 4.21
CA GLY B 111 2.93 1.54 3.08
C GLY B 111 3.57 1.16 1.77
N THR B 112 3.65 2.11 0.86
CA THR B 112 4.19 1.81 -0.46
C THR B 112 5.70 1.81 -0.48
N ASN B 113 6.37 2.09 0.63
CA ASN B 113 7.83 2.08 0.68
C ASN B 113 8.30 0.65 0.88
N PHE B 114 8.60 -0.03 -0.22
CA PHE B 114 9.15 -1.38 -0.23
C PHE B 114 10.66 -1.33 -0.44
N GLN B 115 11.41 -1.85 0.53
CA GLN B 115 12.86 -1.97 0.43
C GLN B 115 13.24 -3.43 0.64
N LYS B 116 13.61 -4.12 -0.44
CA LYS B 116 13.84 -5.54 -0.35
C LYS B 116 15.04 -5.88 0.53
N ARG B 117 15.96 -4.93 0.72
CA ARG B 117 17.12 -5.19 1.58
C ARG B 117 16.71 -5.43 3.03
N LEU B 118 15.51 -5.01 3.43
CA LEU B 118 15.07 -5.29 4.79
C LEU B 118 14.49 -6.67 4.98
N PHE B 119 14.37 -7.46 3.91
CA PHE B 119 13.70 -8.76 3.95
C PHE B 119 14.69 -9.90 4.14
N THR B 120 14.26 -10.92 4.89
CA THR B 120 15.06 -12.10 5.20
C THR B 120 14.53 -13.31 4.44
N LYS B 121 15.41 -14.06 3.79
CA LYS B 121 14.94 -15.21 3.03
C LYS B 121 14.44 -16.29 3.99
N ILE B 122 13.26 -16.83 3.68
CA ILE B 122 12.76 -18.00 4.41
C ILE B 122 13.19 -19.30 3.73
N ASP B 123 12.91 -19.44 2.44
CA ASP B 123 13.34 -20.64 1.73
C ASP B 123 13.19 -20.41 0.23
N THR B 124 13.86 -21.29 -0.51
CA THR B 124 13.53 -21.57 -1.90
C THR B 124 12.28 -22.45 -1.90
N ILE B 125 11.29 -22.10 -2.73
CA ILE B 125 10.07 -22.88 -2.86
C ILE B 125 10.12 -23.61 -4.19
N ALA B 126 10.03 -24.94 -4.14
CA ALA B 126 10.13 -25.79 -5.32
C ALA B 126 8.90 -26.66 -5.46
N PRO B 127 8.48 -26.98 -6.69
CA PRO B 127 7.28 -27.81 -6.87
C PRO B 127 7.61 -29.29 -6.73
N ASP B 128 6.76 -30.00 -6.00
CA ASP B 128 6.82 -31.45 -6.05
C ASP B 128 6.38 -31.97 -7.42
N GLU B 129 5.46 -31.25 -8.08
CA GLU B 129 4.92 -31.66 -9.37
C GLU B 129 4.86 -30.48 -10.31
N ILE B 130 5.53 -30.57 -11.44
CA ILE B 130 5.44 -29.52 -12.45
C ILE B 130 4.24 -29.82 -13.34
N THR B 131 3.67 -28.77 -13.91
CA THR B 131 2.56 -28.86 -14.84
C THR B 131 3.12 -28.87 -16.26
N VAL B 132 2.89 -29.96 -16.99
CA VAL B 132 3.39 -30.09 -18.35
C VAL B 132 2.37 -29.55 -19.35
N SER B 133 2.81 -29.40 -20.59
CA SER B 133 2.00 -28.74 -21.61
C SER B 133 0.64 -29.40 -21.76
N SER B 134 0.62 -30.73 -21.84
CA SER B 134 -0.65 -31.43 -22.04
C SER B 134 -1.60 -31.18 -20.88
N ASP B 135 -1.08 -31.16 -19.67
CA ASP B 135 -1.94 -30.92 -18.51
C ASP B 135 -2.45 -29.49 -18.53
N PHE B 136 -1.60 -28.55 -18.92
CA PHE B 136 -2.05 -27.16 -19.05
C PHE B 136 -3.17 -27.05 -20.08
N GLU B 137 -2.96 -27.62 -21.27
CA GLU B 137 -4.02 -27.46 -22.25
C GLU B 137 -5.27 -28.24 -21.85
N ALA B 138 -5.11 -29.38 -21.16
CA ALA B 138 -6.24 -30.16 -20.70
C ALA B 138 -6.87 -29.59 -19.44
N ARG B 139 -6.36 -28.47 -18.94
CA ARG B 139 -6.89 -27.82 -17.75
C ARG B 139 -6.89 -28.74 -16.53
N HIS B 140 -5.86 -29.58 -16.44
CA HIS B 140 -5.59 -30.39 -15.25
C HIS B 140 -4.23 -30.00 -14.69
N VAL B 141 -4.14 -28.82 -14.09
CA VAL B 141 -2.88 -28.34 -13.54
C VAL B 141 -2.59 -29.06 -12.23
N LYS B 142 -1.31 -29.03 -11.84
CA LYS B 142 -0.85 -29.73 -10.64
C LYS B 142 -0.68 -28.70 -9.52
N LEU B 143 -1.58 -28.73 -8.54
CA LEU B 143 -1.57 -27.75 -7.47
C LEU B 143 -0.65 -28.26 -6.36
N ASN B 144 0.41 -27.49 -6.07
CA ASN B 144 1.39 -27.85 -5.06
C ASN B 144 1.08 -27.15 -3.73
N VAL B 145 1.50 -27.77 -2.64
CA VAL B 145 1.33 -27.19 -1.32
C VAL B 145 2.67 -27.24 -0.61
N GLU B 146 3.11 -26.08 -0.11
CA GLU B 146 4.34 -25.98 0.64
C GLU B 146 4.07 -25.11 1.85
N GLU B 147 4.56 -25.56 3.00
CA GLU B 147 4.37 -24.85 4.27
C GLU B 147 5.73 -24.57 4.89
N ARG B 148 5.89 -23.36 5.42
CA ARG B 148 7.07 -22.96 6.17
C ARG B 148 6.58 -22.22 7.40
N SER B 149 7.39 -22.16 8.45
CA SER B 149 7.07 -21.38 9.63
C SER B 149 8.23 -20.46 9.99
N VAL B 150 7.89 -19.39 10.70
CA VAL B 150 8.92 -18.46 11.16
C VAL B 150 8.62 -17.97 12.57
N GLY B 151 9.70 -17.67 13.28
CA GLY B 151 9.62 -17.10 14.60
C GLY B 151 10.82 -17.53 15.41
N PRO B 152 10.97 -16.98 16.62
CA PRO B 152 9.95 -16.13 17.27
C PRO B 152 9.79 -14.71 16.68
N LEU B 153 8.54 -14.29 16.48
CA LEU B 153 8.29 -12.91 16.09
C LEU B 153 8.39 -11.99 17.30
N THR B 154 8.84 -10.74 17.05
CA THR B 154 9.05 -9.78 18.13
C THR B 154 8.54 -8.37 17.87
N ARG B 155 8.14 -8.02 16.65
CA ARG B 155 7.67 -6.67 16.34
C ARG B 155 6.14 -6.68 16.24
N LYS B 156 5.55 -5.52 15.98
CA LYS B 156 4.09 -5.47 15.97
C LYS B 156 3.49 -6.22 14.78
N GLY B 157 4.18 -6.25 13.64
CA GLY B 157 3.62 -6.84 12.44
C GLY B 157 4.68 -7.33 11.48
N PHE B 158 4.22 -7.85 10.34
CA PHE B 158 5.14 -8.39 9.35
C PHE B 158 4.54 -8.30 7.95
N TYR B 159 5.44 -8.44 6.97
CA TYR B 159 5.12 -8.62 5.56
C TYR B 159 5.71 -9.95 5.11
N LEU B 160 5.07 -10.61 4.16
CA LEU B 160 5.75 -11.63 3.38
C LEU B 160 6.08 -11.04 2.01
N ALA B 161 7.07 -11.62 1.34
CA ALA B 161 7.35 -11.26 -0.03
C ALA B 161 7.75 -12.51 -0.82
N PHE B 162 7.49 -12.45 -2.13
CA PHE B 162 7.80 -13.50 -3.07
C PHE B 162 8.68 -12.93 -4.18
N GLN B 163 9.80 -13.61 -4.44
CA GLN B 163 10.72 -13.18 -5.48
C GLN B 163 10.70 -14.19 -6.61
N ASP B 164 10.42 -13.71 -7.82
CA ASP B 164 10.50 -14.52 -9.03
C ASP B 164 11.79 -14.20 -9.76
N ILE B 165 12.51 -15.24 -10.17
CA ILE B 165 13.76 -15.10 -10.87
C ILE B 165 13.69 -15.64 -12.29
N GLY B 166 12.48 -15.88 -12.81
CA GLY B 166 12.34 -16.30 -14.19
C GLY B 166 11.62 -17.61 -14.35
N ALA B 167 10.62 -17.85 -13.50
CA ALA B 167 9.78 -19.03 -13.57
C ALA B 167 8.39 -18.68 -14.08
N CYS B 168 7.61 -19.73 -14.41
CA CYS B 168 6.23 -19.60 -14.85
C CYS B 168 5.36 -20.14 -13.72
N VAL B 169 4.96 -19.25 -12.79
CA VAL B 169 4.38 -19.62 -11.50
CA VAL B 169 4.35 -19.65 -11.54
C VAL B 169 3.04 -18.93 -11.31
N ALA B 170 2.06 -19.66 -10.77
CA ALA B 170 0.80 -19.09 -10.32
C ALA B 170 0.64 -19.40 -8.84
N LEU B 171 0.41 -18.37 -8.05
CA LEU B 171 0.21 -18.47 -6.60
C LEU B 171 -1.27 -18.35 -6.32
N LEU B 172 -1.90 -19.47 -5.92
CA LEU B 172 -3.34 -19.49 -5.79
C LEU B 172 -3.82 -19.32 -4.36
N SER B 173 -2.98 -19.64 -3.37
CA SER B 173 -3.40 -19.49 -1.99
C SER B 173 -2.19 -19.10 -1.17
N VAL B 174 -2.38 -18.14 -0.27
CA VAL B 174 -1.39 -17.76 0.73
C VAL B 174 -2.15 -17.60 2.04
N ARG B 175 -1.90 -18.49 3.00
CA ARG B 175 -2.60 -18.48 4.27
C ARG B 175 -1.56 -18.43 5.39
N VAL B 176 -1.69 -17.44 6.27
CA VAL B 176 -0.78 -17.29 7.40
C VAL B 176 -1.60 -17.39 8.68
N TYR B 177 -1.14 -18.23 9.60
CA TYR B 177 -1.92 -18.48 10.81
C TYR B 177 -0.97 -18.78 11.95
N TYR B 178 -1.50 -18.74 13.17
CA TYR B 178 -0.75 -19.20 14.33
C TYR B 178 -1.64 -20.17 15.12
N LYS B 179 -1.01 -20.93 16.01
CA LYS B 179 -1.71 -21.88 16.85
C LYS B 179 -1.94 -21.31 18.25
N LYS B 180 -3.19 -21.35 18.70
CA LYS B 180 -3.51 -20.89 20.05
C LYS B 180 -2.78 -21.75 21.08
N ALA B 181 -2.47 -21.13 22.21
CA ALA B 181 -1.74 -21.81 23.27
C ALA B 181 -2.53 -23.01 23.78
N HIS B 182 -1.81 -24.08 24.12
CA HIS B 182 -2.43 -25.29 24.64
C HIS B 182 -2.87 -25.08 26.08
N HIS B 183 -4.06 -25.59 26.41
CA HIS B 183 -4.65 -25.38 27.73
C HIS B 183 -4.95 -26.70 28.43
N HIS B 184 -4.97 -26.64 29.77
CA HIS B 184 -5.35 -27.78 30.59
C HIS B 184 -6.86 -27.82 30.73
N HIS B 185 -7.38 -28.98 31.13
CA HIS B 185 -8.83 -29.18 31.15
C HIS B 185 -9.29 -30.22 32.15
N TYR C 1 1.90 25.12 -13.16
CA TYR C 1 2.09 25.92 -11.93
C TYR C 1 2.46 25.04 -10.74
N SER C 2 3.17 25.62 -9.76
CA SER C 2 3.60 24.91 -8.57
C SER C 2 2.84 25.36 -7.34
N ALA C 3 2.61 24.41 -6.43
CA ALA C 3 1.92 24.71 -5.18
C ALA C 3 2.81 25.36 -4.15
N TYR C 4 4.13 25.14 -4.21
CA TYR C 4 5.03 25.57 -3.13
C TYR C 4 6.38 25.92 -3.74
N PRO C 5 7.00 27.03 -3.32
CA PRO C 5 8.25 27.46 -3.95
C PRO C 5 9.39 26.47 -3.73
N ASP C 6 10.28 26.38 -4.71
CA ASP C 6 11.52 25.61 -4.56
C ASP C 6 11.24 24.19 -4.08
N SER C 7 10.12 23.63 -4.49
CA SER C 7 9.83 22.25 -4.16
C SER C 7 10.39 21.35 -5.26
N VAL C 8 10.95 20.22 -4.86
CA VAL C 8 11.60 19.27 -5.77
C VAL C 8 11.04 17.88 -5.48
N PRO C 9 10.74 17.09 -6.50
CA PRO C 9 10.20 15.75 -6.24
C PRO C 9 11.16 14.90 -5.45
N MET C 10 10.61 13.98 -4.67
CA MET C 10 11.39 13.01 -3.91
C MET C 10 11.28 11.63 -4.56
N TYR D 1 3.71 -16.17 -22.76
CA TYR D 1 3.17 -17.41 -22.12
C TYR D 1 2.41 -17.08 -20.83
N SER D 2 1.45 -17.92 -20.48
CA SER D 2 0.65 -17.75 -19.27
C SER D 2 1.03 -18.78 -18.23
N ALA D 3 0.95 -18.38 -16.96
CA ALA D 3 1.18 -19.32 -15.88
C ALA D 3 -0.01 -20.24 -15.62
N TYR D 4 -1.21 -19.84 -16.01
CA TYR D 4 -2.41 -20.56 -15.58
C TYR D 4 -3.46 -20.49 -16.67
N PRO D 5 -4.16 -21.59 -16.95
CA PRO D 5 -5.10 -21.61 -18.08
C PRO D 5 -6.24 -20.62 -17.90
N ASP D 6 -6.66 -20.03 -19.02
CA ASP D 6 -7.84 -19.17 -19.03
C ASP D 6 -7.76 -18.09 -17.97
N SER D 7 -6.56 -17.60 -17.69
CA SER D 7 -6.39 -16.52 -16.73
C SER D 7 -6.49 -15.18 -17.45
N VAL D 8 -7.19 -14.23 -16.82
CA VAL D 8 -7.43 -12.89 -17.36
C VAL D 8 -7.14 -11.87 -16.25
N PRO D 9 -6.54 -10.73 -16.58
CA PRO D 9 -6.29 -9.72 -15.53
C PRO D 9 -7.57 -9.23 -14.88
N MET D 10 -7.40 -8.68 -13.68
CA MET D 10 -8.51 -8.13 -12.91
C MET D 10 -8.53 -6.61 -12.92
#